data_4BCH
#
_entry.id   4BCH
#
_cell.length_a   174.185
_cell.length_b   174.185
_cell.length_c   98.300
_cell.angle_alpha   90.00
_cell.angle_beta   90.00
_cell.angle_gamma   120.00
#
_symmetry.space_group_name_H-M   'H 3'
#
loop_
_entity.id
_entity.type
_entity.pdbx_description
1 polymer 'CYCLIN-DEPENDENT KINASE 9'
2 polymer CYCLIN-T1
3 non-polymer 4-(4-methyl-2-methylimino-3H-1,3-thiazol-5-yl)-2-[(4-methyl-3-morpholin-4-ylsulfonyl-phenyl)amino]pyrimidine-5-carbonitrile
4 non-polymer GLYCEROL
5 water water
#
loop_
_entity_poly.entity_id
_entity_poly.type
_entity_poly.pdbx_seq_one_letter_code
_entity_poly.pdbx_strand_id
1 'polypeptide(L)'
;GPAKQYDSVECPFCDEVSKYEKLAKIGQGTFGEVFKARHRKTGQKVALKKVLMENEKEGFPITALREIKILQLLKHENVV
NLIEICRTKASPYNRCKGSIYLVFDFCEHDLAGLLSNVLVKFTLSEIKRVMQMLLNGLYYIHRNKILHRDMKAANVLITR
DGVLKLADFGLARAFSLAKNSQPNRY(TPO)NRVVTLWYRPPELLLGERDYGPPIDLWGAGCIMAEMWTRSPIMQGNTEQ
HQLALISQLCGSITPEVWPNVDNYELYEKLELVKGQKRKVKDRLKAYVRDPYALDLIDKLLVLDPAQRIDSDDALNHDFF
WSDPMPSDLKGMLST
;
A
2 'polypeptide(L)'
;GPEGERKNNNKRWYFTREQLENSPSRRFGVDPDKELSYRQQAANLLQDMGQRLNVSQLTINTAIVYMHRFYMIQSFTRFP
GNSVAPAALFLAAKVEGQPKKLEHVIKVAHTCLHPQESLPDTRSEAYLQQVQDLVILESIILQTLGFELTIDHPHTHVVK
CTQLVRASKDLAQTSYFMATNSLHLTTFSLQYTPPVVACVCIHLACKWSNWEIPVSTDGKHWWEYVDATVTLELLDELTH
ELLQILEKTPNRLKRIWNWR
;
B
#
loop_
_chem_comp.id
_chem_comp.type
_chem_comp.name
_chem_comp.formula
GOL non-polymer GLYCEROL 'C3 H8 O3'
T7Z non-polymer 4-(4-methyl-2-methylimino-3H-1,3-thiazol-5-yl)-2-[(4-methyl-3-morpholin-4-ylsulfonyl-phenyl)amino]pyrimidine-5-carbonitrile 'C21 H23 N7 O3 S2'
#
# COMPACT_ATOMS: atom_id res chain seq x y z
N SER A 8 18.96 -20.16 -15.92
CA SER A 8 18.89 -19.12 -14.83
C SER A 8 18.34 -17.76 -15.31
N VAL A 9 17.54 -17.08 -14.49
CA VAL A 9 16.75 -15.89 -14.92
C VAL A 9 17.31 -14.57 -14.42
N GLU A 10 17.33 -13.56 -15.28
CA GLU A 10 17.86 -12.24 -14.91
C GLU A 10 17.04 -11.54 -13.84
N CYS A 11 17.71 -10.77 -13.01
CA CYS A 11 17.01 -10.24 -11.86
C CYS A 11 17.63 -9.01 -11.21
N PRO A 12 17.81 -7.93 -11.99
CA PRO A 12 18.47 -6.69 -11.64
C PRO A 12 18.00 -6.05 -10.33
N PHE A 13 16.73 -6.21 -9.99
CA PHE A 13 16.12 -5.38 -8.96
C PHE A 13 15.70 -6.19 -7.75
N CYS A 14 16.18 -7.41 -7.66
CA CYS A 14 15.88 -8.17 -6.45
C CYS A 14 17.12 -8.95 -6.09
N ASP A 15 17.87 -8.46 -5.10
CA ASP A 15 19.12 -9.08 -4.69
C ASP A 15 18.86 -10.26 -3.76
N GLU A 16 19.77 -11.23 -3.80
CA GLU A 16 19.73 -12.35 -2.88
C GLU A 16 20.10 -11.91 -1.45
N VAL A 17 19.32 -12.39 -0.47
CA VAL A 17 19.46 -11.96 0.92
C VAL A 17 20.83 -12.36 1.51
N SER A 18 21.54 -13.24 0.83
CA SER A 18 22.88 -13.66 1.32
C SER A 18 23.85 -12.49 1.34
N LYS A 19 23.50 -11.36 0.73
CA LYS A 19 24.33 -10.14 0.84
C LYS A 19 24.40 -9.70 2.30
N TYR A 20 23.40 -10.11 3.08
CA TYR A 20 23.35 -9.84 4.50
C TYR A 20 23.82 -11.06 5.25
N GLU A 21 24.48 -10.85 6.38
CA GLU A 21 24.94 -11.97 7.18
C GLU A 21 24.11 -12.04 8.45
N LYS A 22 23.38 -13.14 8.61
CA LYS A 22 22.57 -13.33 9.81
C LYS A 22 23.38 -13.32 11.12
N LEU A 23 23.00 -12.43 12.02
CA LEU A 23 23.66 -12.33 13.31
C LEU A 23 22.91 -13.01 14.45
N ALA A 24 21.59 -12.84 14.50
CA ALA A 24 20.83 -13.26 15.68
C ALA A 24 19.32 -13.29 15.40
N LYS A 25 18.65 -14.35 15.82
CA LYS A 25 17.20 -14.45 15.67
C LYS A 25 16.56 -13.61 16.76
N ILE A 26 16.50 -12.31 16.56
CA ILE A 26 16.09 -11.41 17.63
C ILE A 26 14.64 -11.59 18.05
N GLY A 27 13.78 -11.75 17.05
CA GLY A 27 12.36 -11.83 17.32
C GLY A 27 12.00 -13.02 18.19
N GLN A 28 12.35 -14.20 17.69
CA GLN A 28 11.88 -15.45 18.29
C GLN A 28 10.37 -15.37 18.56
N GLY A 29 9.64 -14.59 17.77
CA GLY A 29 8.26 -14.27 18.12
C GLY A 29 7.33 -15.33 17.59
N THR A 30 6.10 -15.33 18.10
CA THR A 30 5.06 -16.09 17.43
C THR A 30 4.95 -15.47 16.03
N PHE A 31 5.07 -14.15 15.93
CA PHE A 31 5.41 -13.49 14.66
C PHE A 31 6.85 -13.93 14.24
N GLY A 32 7.05 -14.27 12.99
CA GLY A 32 8.23 -15.04 12.63
C GLY A 32 8.68 -14.77 11.21
N GLU A 33 9.98 -14.53 11.04
CA GLU A 33 10.85 -14.36 12.17
C GLU A 33 11.76 -13.23 11.85
N VAL A 34 12.01 -12.39 12.84
CA VAL A 34 12.89 -11.29 12.61
C VAL A 34 14.34 -11.62 13.00
N PHE A 35 15.26 -11.44 12.04
CA PHE A 35 16.68 -11.56 12.27
C PHE A 35 17.42 -10.22 12.25
N LYS A 36 18.35 -10.04 13.17
CA LYS A 36 19.32 -8.96 13.02
C LYS A 36 20.36 -9.46 12.03
N ALA A 37 20.78 -8.60 11.12
CA ALA A 37 21.82 -8.98 10.18
C ALA A 37 22.72 -7.83 9.77
N ARG A 38 23.79 -8.18 9.09
CA ARG A 38 24.92 -7.28 8.85
C ARG A 38 25.25 -7.33 7.38
N HIS A 39 25.27 -6.17 6.73
CA HIS A 39 25.64 -6.15 5.32
C HIS A 39 27.07 -6.64 5.19
N ARG A 40 27.32 -7.56 4.27
CA ARG A 40 28.62 -8.24 4.25
C ARG A 40 29.80 -7.34 3.85
N LYS A 41 29.50 -6.21 3.22
CA LYS A 41 30.54 -5.33 2.75
C LYS A 41 30.76 -4.07 3.59
N THR A 42 29.68 -3.52 4.12
CA THR A 42 29.70 -2.22 4.76
C THR A 42 29.46 -2.30 6.26
N GLY A 43 28.88 -3.42 6.70
CA GLY A 43 28.67 -3.63 8.14
C GLY A 43 27.35 -3.05 8.58
N GLN A 44 26.64 -2.40 7.66
CA GLN A 44 25.35 -1.78 8.00
C GLN A 44 24.40 -2.80 8.59
N LYS A 45 23.88 -2.54 9.78
CA LYS A 45 22.92 -3.46 10.41
C LYS A 45 21.51 -3.27 9.85
N VAL A 46 20.83 -4.39 9.64
CA VAL A 46 19.46 -4.39 9.16
C VAL A 46 18.62 -5.42 9.91
N ALA A 47 17.30 -5.36 9.76
CA ALA A 47 16.40 -6.39 10.27
C ALA A 47 15.78 -7.12 9.08
N LEU A 48 15.83 -8.45 9.13
CA LEU A 48 15.24 -9.26 8.10
C LEU A 48 13.95 -9.93 8.62
N LYS A 49 12.90 -9.82 7.82
CA LYS A 49 11.69 -10.58 8.07
C LYS A 49 11.34 -11.42 6.85
N LYS A 50 11.30 -12.72 7.02
CA LYS A 50 10.85 -13.63 5.96
C LYS A 50 9.34 -13.52 5.77
N VAL A 51 8.86 -13.54 4.52
CA VAL A 51 7.40 -13.61 4.28
C VAL A 51 6.98 -15.07 4.48
N LEU A 52 6.08 -15.35 5.42
CA LEU A 52 5.78 -16.76 5.69
C LEU A 52 4.67 -17.25 4.82
N MET A 53 5.00 -18.34 4.14
CA MET A 53 4.16 -18.87 3.13
C MET A 53 3.63 -20.25 3.55
N GLU A 54 3.35 -20.43 4.84
CA GLU A 54 3.01 -21.79 5.32
C GLU A 54 1.67 -22.25 4.86
N ASN A 55 0.71 -21.35 4.88
CA ASN A 55 -0.64 -21.73 4.48
C ASN A 55 -1.21 -21.04 3.24
N GLU A 56 -0.30 -20.53 2.44
CA GLU A 56 -0.57 -19.79 1.23
C GLU A 56 -0.87 -20.62 -0.02
N LYS A 57 -2.16 -20.76 -0.30
CA LYS A 57 -2.63 -21.48 -1.49
C LYS A 57 -2.94 -20.53 -2.66
N GLU A 58 -2.78 -19.25 -2.44
CA GLU A 58 -3.17 -18.28 -3.44
C GLU A 58 -1.96 -17.51 -3.95
N GLY A 59 -0.87 -18.23 -4.21
CA GLY A 59 0.37 -17.59 -4.58
C GLY A 59 0.89 -16.64 -3.50
N PHE A 60 1.59 -15.60 -3.95
CA PHE A 60 2.21 -14.65 -3.03
C PHE A 60 1.13 -13.95 -2.20
N PRO A 61 1.27 -13.99 -0.87
CA PRO A 61 0.22 -13.53 0.05
C PRO A 61 -0.21 -12.10 -0.19
N ILE A 62 -1.51 -11.94 -0.45
CA ILE A 62 -2.11 -10.63 -0.62
C ILE A 62 -1.84 -9.72 0.59
N THR A 63 -1.68 -10.34 1.74
CA THR A 63 -1.37 -9.64 2.97
C THR A 63 0.01 -9.00 2.91
N ALA A 64 0.97 -9.73 2.34
CA ALA A 64 2.33 -9.22 2.23
C ALA A 64 2.39 -8.13 1.17
N LEU A 65 1.64 -8.29 0.07
CA LEU A 65 1.56 -7.24 -0.93
C LEU A 65 1.08 -5.94 -0.30
N ARG A 66 0.06 -6.03 0.53
CA ARG A 66 -0.51 -4.85 1.15
C ARG A 66 0.53 -4.15 2.04
N GLU A 67 1.25 -4.94 2.85
CA GLU A 67 2.23 -4.38 3.78
C GLU A 67 3.37 -3.69 2.99
N ILE A 68 3.88 -4.42 2.00
CA ILE A 68 4.90 -3.87 1.12
C ILE A 68 4.45 -2.57 0.47
N LYS A 69 3.21 -2.53 -0.03
CA LYS A 69 2.70 -1.32 -0.66
C LYS A 69 2.77 -0.17 0.34
N ILE A 70 2.33 -0.42 1.56
CA ILE A 70 2.34 0.56 2.62
C ILE A 70 3.74 1.02 3.07
N LEU A 71 4.67 0.07 3.26
CA LEU A 71 6.04 0.46 3.66
C LEU A 71 6.71 1.28 2.53
N GLN A 72 6.39 0.95 1.28
CA GLN A 72 6.93 1.71 0.18
C GLN A 72 6.44 3.16 0.14
N LEU A 73 5.20 3.36 0.57
CA LEU A 73 4.59 4.68 0.57
C LEU A 73 5.07 5.52 1.74
N LEU A 74 5.16 4.92 2.93
CA LEU A 74 5.49 5.68 4.15
C LEU A 74 6.97 5.97 4.33
N LYS A 75 7.38 7.22 4.09
CA LYS A 75 8.78 7.63 4.31
C LYS A 75 8.89 8.79 5.29
N HIS A 76 9.32 8.51 6.52
CA HIS A 76 9.27 9.50 7.56
C HIS A 76 10.22 9.16 8.71
N GLU A 77 10.79 10.19 9.36
CA GLU A 77 11.75 9.96 10.43
C GLU A 77 11.25 9.02 11.53
N ASN A 78 9.93 9.03 11.79
CA ASN A 78 9.34 8.23 12.84
C ASN A 78 8.59 6.99 12.37
N VAL A 79 8.90 6.56 11.14
CA VAL A 79 8.35 5.31 10.65
C VAL A 79 9.51 4.46 10.15
N VAL A 80 9.45 3.19 10.51
CA VAL A 80 10.50 2.25 10.18
C VAL A 80 10.68 2.28 8.66
N ASN A 81 11.90 2.04 8.24
CA ASN A 81 12.26 2.17 6.82
C ASN A 81 12.59 0.83 6.14
N LEU A 82 11.77 0.49 5.17
CA LEU A 82 12.00 -0.68 4.35
C LEU A 82 13.08 -0.32 3.34
N ILE A 83 14.21 -1.02 3.39
CA ILE A 83 15.31 -0.72 2.50
C ILE A 83 15.05 -1.35 1.13
N GLU A 84 14.63 -2.61 1.11
CA GLU A 84 14.53 -3.38 -0.11
C GLU A 84 13.89 -4.72 0.20
N ILE A 85 13.48 -5.43 -0.85
CA ILE A 85 13.00 -6.80 -0.73
C ILE A 85 13.95 -7.79 -1.38
N CYS A 86 14.26 -8.88 -0.67
CA CYS A 86 15.31 -9.77 -1.11
C CYS A 86 14.77 -11.17 -1.34
N ARG A 87 15.37 -11.86 -2.32
CA ARG A 87 15.04 -13.25 -2.59
C ARG A 87 16.15 -14.14 -2.08
N THR A 88 16.10 -15.41 -2.47
CA THR A 88 16.89 -16.34 -1.79
C THR A 88 17.69 -17.15 -2.79
N LYS A 89 17.15 -17.34 -4.00
CA LYS A 89 17.88 -18.05 -5.08
C LYS A 89 17.62 -19.55 -5.09
N ALA A 90 16.88 -20.03 -4.09
CA ALA A 90 16.38 -21.45 -4.04
C ALA A 90 17.03 -22.43 -5.02
N GLY A 98 12.02 -21.60 -2.34
CA GLY A 98 12.38 -20.21 -2.64
C GLY A 98 11.72 -19.26 -1.66
N SER A 99 12.41 -18.22 -1.19
CA SER A 99 11.89 -17.35 -0.12
C SER A 99 12.03 -15.85 -0.40
N ILE A 100 11.30 -15.05 0.39
CA ILE A 100 11.30 -13.61 0.25
C ILE A 100 11.45 -12.90 1.60
N TYR A 101 12.25 -11.83 1.62
CA TYR A 101 12.58 -11.18 2.87
C TYR A 101 12.39 -9.67 2.73
N LEU A 102 11.72 -9.09 3.73
CA LEU A 102 11.68 -7.65 3.82
C LEU A 102 12.92 -7.22 4.60
N VAL A 103 13.64 -6.26 4.06
CA VAL A 103 14.83 -5.75 4.74
C VAL A 103 14.61 -4.34 5.32
N PHE A 104 14.76 -4.19 6.64
CA PHE A 104 14.60 -2.87 7.29
C PHE A 104 15.87 -2.32 7.94
N ASP A 105 15.98 -0.99 8.00
CA ASP A 105 17.02 -0.36 8.83
C ASP A 105 16.88 -0.94 10.26
N PHE A 106 17.98 -1.40 10.86
CA PHE A 106 17.88 -2.01 12.19
C PHE A 106 17.74 -0.98 13.32
N CYS A 107 16.93 -1.28 14.33
CA CYS A 107 16.76 -0.39 15.48
C CYS A 107 17.15 -1.11 16.76
N GLU A 108 17.99 -0.47 17.56
CA GLU A 108 18.59 -1.08 18.73
C GLU A 108 17.56 -1.49 19.79
N HIS A 109 16.62 -0.60 20.09
CA HIS A 109 15.67 -0.84 21.19
C HIS A 109 14.25 -1.08 20.74
N ASP A 110 13.42 -1.64 21.63
CA ASP A 110 11.98 -1.45 21.48
C ASP A 110 11.30 -1.08 22.79
N LEU A 111 10.42 -0.09 22.72
CA LEU A 111 9.75 0.45 23.87
C LEU A 111 9.25 -0.58 24.89
N ALA A 112 8.71 -1.71 24.43
CA ALA A 112 8.25 -2.73 25.37
C ALA A 112 9.39 -3.27 26.24
N GLY A 113 10.53 -3.52 25.60
CA GLY A 113 11.73 -3.94 26.30
C GLY A 113 12.27 -2.92 27.28
N LEU A 114 12.45 -1.68 26.83
CA LEU A 114 12.95 -0.60 27.68
C LEU A 114 12.08 -0.42 28.94
N LEU A 115 10.77 -0.50 28.72
CA LEU A 115 9.79 -0.29 29.75
C LEU A 115 9.79 -1.39 30.80
N SER A 116 10.09 -2.63 30.40
CA SER A 116 10.02 -3.73 31.36
C SER A 116 11.38 -3.89 32.05
N ASN A 117 12.31 -3.03 31.70
CA ASN A 117 13.66 -3.09 32.25
C ASN A 117 13.81 -2.15 33.45
N VAL A 118 13.89 -2.74 34.64
CA VAL A 118 13.97 -1.99 35.89
C VAL A 118 15.16 -1.02 35.95
N LEU A 119 16.25 -1.35 35.26
CA LEU A 119 17.42 -0.47 35.25
C LEU A 119 17.18 0.82 34.48
N VAL A 120 16.32 0.75 33.47
CA VAL A 120 16.09 1.85 32.53
C VAL A 120 15.25 2.93 33.19
N LYS A 121 15.61 4.19 33.05
CA LYS A 121 14.81 5.27 33.68
C LYS A 121 14.53 6.48 32.79
N PHE A 122 13.25 6.90 32.70
CA PHE A 122 12.90 8.07 31.89
C PHE A 122 12.67 9.31 32.73
N THR A 123 13.18 10.46 32.26
CA THR A 123 12.79 11.74 32.87
C THR A 123 11.49 12.22 32.25
N LEU A 124 10.79 13.14 32.91
CA LEU A 124 9.58 13.71 32.33
C LEU A 124 9.86 14.28 30.93
N SER A 125 11.06 14.82 30.77
CA SER A 125 11.45 15.50 29.55
C SER A 125 11.57 14.53 28.36
N GLU A 126 12.05 13.33 28.66
CA GLU A 126 12.27 12.33 27.63
C GLU A 126 10.94 11.66 27.26
N ILE A 127 10.14 11.36 28.28
CA ILE A 127 8.81 10.84 28.05
C ILE A 127 8.06 11.78 27.11
N LYS A 128 8.21 13.09 27.33
CA LYS A 128 7.63 14.08 26.42
C LYS A 128 8.11 13.87 24.99
N ARG A 129 9.41 13.62 24.86
CA ARG A 129 10.00 13.48 23.54
C ARG A 129 9.48 12.24 22.84
N VAL A 130 9.46 11.13 23.56
CA VAL A 130 8.92 9.88 23.03
C VAL A 130 7.50 10.07 22.49
N MET A 131 6.62 10.61 23.32
CA MET A 131 5.25 10.85 22.90
C MET A 131 5.17 11.79 21.70
N GLN A 132 6.11 12.73 21.64
CA GLN A 132 6.12 13.69 20.54
C GLN A 132 6.44 12.98 19.23
N MET A 133 7.47 12.14 19.24
CA MET A 133 7.84 11.43 18.03
C MET A 133 6.70 10.48 17.61
N LEU A 134 6.16 9.75 18.58
CA LEU A 134 5.10 8.79 18.30
C LEU A 134 3.90 9.49 17.66
N LEU A 135 3.42 10.55 18.29
CA LEU A 135 2.28 11.31 17.78
C LEU A 135 2.58 11.92 16.41
N ASN A 136 3.85 12.28 16.19
CA ASN A 136 4.27 12.82 14.92
C ASN A 136 4.25 11.76 13.82
N GLY A 137 4.65 10.55 14.16
CA GLY A 137 4.56 9.43 13.25
C GLY A 137 3.11 9.15 12.88
N LEU A 138 2.22 9.11 13.88
CA LEU A 138 0.81 8.91 13.63
C LEU A 138 0.23 9.97 12.70
N TYR A 139 0.58 11.23 12.94
CA TYR A 139 0.09 12.31 12.11
C TYR A 139 0.46 12.03 10.66
N TYR A 140 1.69 11.59 10.45
CA TYR A 140 2.18 11.29 9.12
C TYR A 140 1.44 10.13 8.45
N ILE A 141 1.31 9.00 9.16
CA ILE A 141 0.71 7.85 8.53
C ILE A 141 -0.77 8.10 8.21
N HIS A 142 -1.46 8.79 9.12
CA HIS A 142 -2.86 9.10 8.90
C HIS A 142 -3.07 10.07 7.75
N ARG A 143 -2.22 11.10 7.71
CA ARG A 143 -2.23 12.07 6.62
C ARG A 143 -2.10 11.36 5.28
N ASN A 144 -1.46 10.18 5.32
CA ASN A 144 -1.27 9.37 4.13
C ASN A 144 -2.28 8.25 4.01
N LYS A 145 -3.38 8.37 4.74
CA LYS A 145 -4.53 7.48 4.57
C LYS A 145 -4.19 6.07 5.01
N ILE A 146 -3.33 5.93 6.01
CA ILE A 146 -3.04 4.63 6.53
C ILE A 146 -3.44 4.51 7.99
N LEU A 147 -4.06 3.38 8.34
CA LEU A 147 -4.33 3.03 9.71
C LEU A 147 -3.32 1.98 10.11
N HIS A 148 -2.72 2.15 11.28
CA HIS A 148 -1.69 1.20 11.71
C HIS A 148 -2.31 -0.09 12.25
N ARG A 149 -3.33 0.07 13.07
CA ARG A 149 -4.17 -1.05 13.52
C ARG A 149 -3.48 -2.03 14.45
N ASP A 150 -2.24 -1.74 14.86
CA ASP A 150 -1.58 -2.63 15.79
C ASP A 150 -0.69 -1.85 16.77
N MET A 151 -1.19 -0.71 17.23
CA MET A 151 -0.45 0.10 18.20
C MET A 151 -0.18 -0.68 19.49
N LYS A 152 1.10 -0.80 19.84
CA LYS A 152 1.47 -1.31 21.16
C LYS A 152 2.95 -1.05 21.42
N ALA A 153 3.32 -1.00 22.69
CA ALA A 153 4.69 -0.70 23.09
C ALA A 153 5.72 -1.51 22.31
N ALA A 154 5.35 -2.77 22.04
CA ALA A 154 6.30 -3.67 21.38
C ALA A 154 6.54 -3.34 19.90
N ASN A 155 5.61 -2.57 19.32
CA ASN A 155 5.74 -2.13 17.93
C ASN A 155 6.36 -0.74 17.80
N VAL A 156 6.75 -0.15 18.92
CA VAL A 156 7.42 1.15 18.90
C VAL A 156 8.90 0.94 19.12
N LEU A 157 9.71 1.25 18.12
CA LEU A 157 11.16 1.06 18.23
C LEU A 157 11.88 2.36 18.53
N ILE A 158 13.10 2.29 19.07
CA ILE A 158 13.95 3.47 19.21
C ILE A 158 15.36 3.15 18.76
N THR A 159 15.96 4.01 17.94
CA THR A 159 17.31 3.80 17.43
C THR A 159 18.38 4.19 18.44
N ARG A 160 19.59 3.68 18.22
CA ARG A 160 20.71 3.97 19.09
C ARG A 160 20.85 5.47 19.29
N ASP A 161 20.34 6.27 18.35
CA ASP A 161 20.48 7.73 18.51
C ASP A 161 19.21 8.42 18.98
N GLY A 162 18.27 7.65 19.51
CA GLY A 162 17.10 8.23 20.16
C GLY A 162 16.01 8.65 19.20
N VAL A 163 15.99 8.08 18.01
CA VAL A 163 14.86 8.33 17.10
C VAL A 163 13.83 7.21 17.17
N LEU A 164 12.60 7.54 17.55
CA LEU A 164 11.50 6.55 17.68
C LEU A 164 10.88 6.24 16.31
N LYS A 165 10.61 4.96 16.07
CA LYS A 165 10.03 4.53 14.79
C LYS A 165 8.84 3.65 15.06
N LEU A 166 7.72 3.96 14.40
CA LEU A 166 6.59 3.05 14.43
C LEU A 166 6.92 1.87 13.53
N ALA A 167 6.59 0.66 13.97
CA ALA A 167 7.02 -0.54 13.27
C ALA A 167 5.85 -1.49 13.05
N ASP A 168 6.09 -2.57 12.29
CA ASP A 168 5.09 -3.60 12.12
C ASP A 168 3.81 -3.14 11.44
N PHE A 169 3.86 -3.01 10.11
CA PHE A 169 2.66 -2.60 9.35
C PHE A 169 1.90 -3.78 8.75
N GLY A 170 2.16 -4.97 9.29
CA GLY A 170 1.58 -6.20 8.76
C GLY A 170 0.08 -6.30 8.90
N LEU A 171 -0.49 -5.48 9.77
CA LEU A 171 -1.92 -5.41 9.97
C LEU A 171 -2.48 -4.08 9.50
N ALA A 172 -1.59 -3.20 9.06
CA ALA A 172 -2.05 -1.89 8.58
C ALA A 172 -2.85 -2.03 7.27
N ARG A 173 -3.49 -0.96 6.88
CA ARG A 173 -4.45 -0.96 5.78
C ARG A 173 -4.72 0.53 5.42
N ALA A 174 -4.91 0.81 4.13
CA ALA A 174 -5.36 2.14 3.72
C ALA A 174 -6.82 2.40 4.13
N PHE A 175 -7.20 3.65 4.29
CA PHE A 175 -8.61 3.99 4.52
C PHE A 175 -9.05 5.15 3.63
N SER A 176 -10.34 5.48 3.66
CA SER A 176 -10.87 6.52 2.75
C SER A 176 -12.16 7.20 3.18
N LEU A 177 -12.54 8.21 2.41
CA LEU A 177 -13.75 9.00 2.57
C LEU A 177 -14.20 9.31 3.99
N PRO A 183 -20.45 3.47 3.14
CA PRO A 183 -20.09 3.38 4.56
C PRO A 183 -19.11 2.21 4.78
N ASN A 184 -17.89 2.49 5.25
CA ASN A 184 -16.79 1.55 5.23
C ASN A 184 -17.04 0.22 5.94
N ARG A 185 -16.54 -0.87 5.36
CA ARG A 185 -16.67 -2.18 5.97
C ARG A 185 -15.31 -2.77 6.23
N TYR A 186 -14.60 -2.22 7.22
CA TYR A 186 -13.27 -2.73 7.55
C TYR A 186 -13.41 -3.86 8.57
N TPO A 187 -12.38 -4.71 8.65
CA TPO A 187 -12.28 -5.88 9.57
CB TPO A 187 -10.87 -6.37 9.38
CG2 TPO A 187 -10.61 -7.83 9.61
OG1 TPO A 187 -10.37 -5.70 8.19
P TPO A 187 -9.53 -6.12 6.89
O1P TPO A 187 -8.17 -6.64 7.37
O2P TPO A 187 -10.53 -7.09 6.32
O3P TPO A 187 -9.53 -4.77 6.19
C TPO A 187 -12.24 -5.50 11.03
O TPO A 187 -11.46 -4.62 11.44
N ASN A 188 -13.04 -6.15 11.85
CA ASN A 188 -13.23 -5.65 13.19
C ASN A 188 -12.20 -6.19 14.18
N ARG A 189 -11.75 -7.41 13.95
CA ARG A 189 -10.84 -8.07 14.86
C ARG A 189 -9.42 -7.56 14.70
N VAL A 190 -9.24 -6.25 14.60
CA VAL A 190 -7.87 -5.68 14.55
C VAL A 190 -7.39 -5.17 15.89
N VAL A 191 -6.06 -5.09 16.06
CA VAL A 191 -5.44 -4.51 17.26
C VAL A 191 -5.41 -5.50 18.43
N THR A 192 -4.25 -5.59 19.10
CA THR A 192 -4.13 -6.43 20.28
C THR A 192 -5.23 -6.10 21.27
N LEU A 193 -5.75 -7.12 21.94
CA LEU A 193 -6.84 -6.90 22.90
C LEU A 193 -6.60 -5.75 23.90
N TRP A 194 -5.43 -5.71 24.52
CA TRP A 194 -5.18 -4.72 25.57
C TRP A 194 -5.15 -3.28 25.05
N TYR A 195 -4.88 -3.16 23.76
CA TYR A 195 -4.77 -1.84 23.17
C TYR A 195 -5.99 -1.51 22.32
N ARG A 196 -6.93 -2.46 22.23
CA ARG A 196 -8.10 -2.26 21.39
C ARG A 196 -9.07 -1.24 21.94
N PRO A 197 -9.47 -0.26 21.12
CA PRO A 197 -10.44 0.79 21.49
C PRO A 197 -11.87 0.24 21.59
N PRO A 198 -12.73 0.94 22.37
CA PRO A 198 -14.14 0.60 22.59
C PRO A 198 -14.87 0.30 21.28
N GLU A 199 -14.75 1.21 20.29
CA GLU A 199 -15.45 1.09 19.01
C GLU A 199 -15.39 -0.33 18.47
N LEU A 200 -14.18 -0.85 18.36
CA LEU A 200 -14.00 -2.18 17.79
C LEU A 200 -14.69 -3.24 18.63
N LEU A 201 -14.52 -3.15 19.95
CA LEU A 201 -15.12 -4.10 20.87
C LEU A 201 -16.66 -4.06 20.81
N LEU A 202 -17.22 -2.92 20.42
CA LEU A 202 -18.65 -2.78 20.26
C LEU A 202 -19.08 -3.07 18.82
N GLY A 203 -18.17 -3.63 18.03
CA GLY A 203 -18.49 -4.15 16.71
C GLY A 203 -18.38 -3.18 15.52
N GLU A 204 -17.59 -2.12 15.67
CA GLU A 204 -17.49 -1.11 14.60
C GLU A 204 -16.71 -1.60 13.38
N ARG A 205 -17.18 -1.27 12.20
CA ARG A 205 -16.45 -1.60 10.97
C ARG A 205 -16.18 -0.35 10.16
N ASP A 206 -16.75 0.76 10.60
CA ASP A 206 -16.54 2.04 9.99
C ASP A 206 -15.75 2.90 10.97
N TYR A 207 -14.50 2.52 11.18
CA TYR A 207 -13.62 3.21 12.11
C TYR A 207 -12.50 3.88 11.32
N GLY A 208 -11.75 4.76 11.97
CA GLY A 208 -10.66 5.47 11.32
C GLY A 208 -9.49 5.70 12.25
N PRO A 209 -8.73 6.78 12.02
CA PRO A 209 -7.50 7.11 12.77
C PRO A 209 -7.66 7.10 14.29
N PRO A 210 -8.86 7.38 14.80
CA PRO A 210 -8.99 7.41 16.26
C PRO A 210 -8.63 6.10 16.95
N ILE A 211 -8.66 4.97 16.24
CA ILE A 211 -8.29 3.71 16.89
C ILE A 211 -6.81 3.67 17.24
N ASP A 212 -5.99 4.28 16.40
CA ASP A 212 -4.55 4.32 16.64
C ASP A 212 -4.24 5.24 17.83
N LEU A 213 -5.06 6.27 18.00
CA LEU A 213 -4.81 7.24 19.05
C LEU A 213 -5.17 6.69 20.43
N TRP A 214 -6.21 5.88 20.48
CA TRP A 214 -6.56 5.17 21.70
C TRP A 214 -5.35 4.38 22.14
N GLY A 215 -4.72 3.72 21.17
CA GLY A 215 -3.50 2.98 21.44
C GLY A 215 -2.37 3.86 21.95
N ALA A 216 -2.28 5.07 21.41
CA ALA A 216 -1.23 5.99 21.81
C ALA A 216 -1.48 6.34 23.29
N GLY A 217 -2.74 6.55 23.62
CA GLY A 217 -3.12 6.72 25.01
C GLY A 217 -2.61 5.63 25.93
N CYS A 218 -2.90 4.37 25.60
CA CYS A 218 -2.51 3.26 26.46
C CYS A 218 -1.00 3.19 26.63
N ILE A 219 -0.29 3.57 25.57
CA ILE A 219 1.15 3.55 25.59
C ILE A 219 1.70 4.71 26.42
N MET A 220 1.07 5.88 26.28
CA MET A 220 1.51 7.03 27.06
C MET A 220 1.44 6.69 28.53
N ALA A 221 0.28 6.19 28.97
CA ALA A 221 0.08 5.80 30.37
C ALA A 221 1.13 4.78 30.81
N GLU A 222 1.53 3.95 29.86
CA GLU A 222 2.47 2.88 30.12
C GLU A 222 3.88 3.41 30.37
N MET A 223 4.13 4.65 29.96
CA MET A 223 5.45 5.27 30.13
C MET A 223 5.73 5.56 31.62
N TRP A 224 4.67 5.63 32.43
CA TRP A 224 4.81 5.80 33.87
C TRP A 224 4.51 4.51 34.62
N THR A 225 3.42 3.84 34.26
CA THR A 225 3.04 2.61 34.96
C THR A 225 3.97 1.45 34.63
N ARG A 226 4.77 1.60 33.59
CA ARG A 226 5.74 0.56 33.23
C ARG A 226 5.05 -0.77 32.94
N SER A 227 3.76 -0.72 32.60
CA SER A 227 3.00 -1.94 32.41
C SER A 227 1.62 -1.61 31.83
N PRO A 228 1.16 -2.44 30.89
CA PRO A 228 -0.11 -2.19 30.19
C PRO A 228 -1.28 -2.03 31.16
N ILE A 229 -1.89 -0.85 31.15
CA ILE A 229 -2.91 -0.45 32.12
C ILE A 229 -4.17 -1.33 32.17
N MET A 230 -4.56 -1.92 31.04
CA MET A 230 -5.84 -2.65 30.96
C MET A 230 -5.66 -4.02 30.30
N GLN A 231 -5.33 -5.02 31.11
CA GLN A 231 -4.96 -6.34 30.59
C GLN A 231 -6.10 -7.35 30.62
N GLY A 232 -7.13 -7.13 29.80
CA GLY A 232 -8.27 -8.05 29.73
C GLY A 232 -7.90 -9.45 29.26
N ASN A 233 -8.83 -10.39 29.43
CA ASN A 233 -8.61 -11.76 28.97
C ASN A 233 -9.52 -12.14 27.83
N THR A 234 -10.69 -11.50 27.79
CA THR A 234 -11.61 -11.63 26.67
C THR A 234 -12.18 -10.24 26.37
N GLU A 235 -12.84 -10.10 25.22
CA GLU A 235 -13.45 -8.83 24.86
C GLU A 235 -14.34 -8.25 25.96
N GLN A 236 -15.14 -9.10 26.59
CA GLN A 236 -16.03 -8.64 27.67
C GLN A 236 -15.22 -8.18 28.87
N HIS A 237 -14.16 -8.93 29.20
CA HIS A 237 -13.29 -8.55 30.30
C HIS A 237 -12.60 -7.24 29.99
N GLN A 238 -12.19 -7.08 28.72
CA GLN A 238 -11.53 -5.87 28.27
C GLN A 238 -12.49 -4.70 28.39
N LEU A 239 -13.71 -4.88 27.91
CA LEU A 239 -14.71 -3.83 27.94
C LEU A 239 -15.06 -3.44 29.37
N ALA A 240 -14.99 -4.42 30.27
CA ALA A 240 -15.23 -4.16 31.67
C ALA A 240 -14.11 -3.28 32.21
N LEU A 241 -12.87 -3.68 31.94
CA LEU A 241 -11.71 -2.92 32.44
C LEU A 241 -11.77 -1.46 32.00
N ILE A 242 -12.05 -1.25 30.72
CA ILE A 242 -12.19 0.09 30.15
C ILE A 242 -13.26 0.91 30.88
N SER A 243 -14.37 0.26 31.23
CA SER A 243 -15.44 0.94 31.95
C SER A 243 -15.02 1.31 33.37
N GLN A 244 -14.21 0.45 33.99
CA GLN A 244 -13.74 0.70 35.34
C GLN A 244 -12.70 1.82 35.38
N LEU A 245 -12.32 2.31 34.20
CA LEU A 245 -11.36 3.40 34.12
C LEU A 245 -11.94 4.66 33.49
N CYS A 246 -12.70 4.50 32.42
CA CYS A 246 -13.17 5.67 31.66
C CYS A 246 -14.64 6.01 31.93
N GLY A 247 -15.23 5.40 32.94
CA GLY A 247 -16.68 5.49 33.11
C GLY A 247 -17.31 4.43 32.25
N SER A 248 -18.63 4.36 32.23
CA SER A 248 -19.29 3.35 31.41
C SER A 248 -19.94 3.91 30.15
N ILE A 249 -19.98 3.08 29.12
CA ILE A 249 -20.39 3.52 27.79
C ILE A 249 -21.86 3.91 27.81
N THR A 250 -22.12 5.20 27.71
CA THR A 250 -23.47 5.74 27.79
C THR A 250 -23.75 6.65 26.61
N PRO A 251 -24.94 6.51 26.01
CA PRO A 251 -25.34 7.40 24.92
C PRO A 251 -25.22 8.85 25.31
N GLU A 252 -25.14 9.12 26.60
CA GLU A 252 -24.91 10.48 27.09
C GLU A 252 -23.46 10.85 26.89
N VAL A 253 -22.58 9.91 27.25
CA VAL A 253 -21.16 10.11 27.11
C VAL A 253 -20.73 9.95 25.65
N TRP A 254 -21.33 8.97 24.99
CA TRP A 254 -20.97 8.57 23.64
C TRP A 254 -22.23 8.54 22.78
N PRO A 255 -22.63 9.69 22.25
CA PRO A 255 -23.84 9.88 21.42
C PRO A 255 -24.00 8.82 20.34
N ASN A 256 -25.06 8.03 20.41
CA ASN A 256 -25.34 7.00 19.41
C ASN A 256 -24.68 5.65 19.66
N VAL A 257 -23.91 5.56 20.74
CA VAL A 257 -23.32 4.27 21.11
C VAL A 257 -24.39 3.17 21.15
N ASP A 258 -25.59 3.52 21.57
CA ASP A 258 -26.70 2.57 21.55
C ASP A 258 -26.99 1.82 20.25
N ASN A 259 -26.55 2.34 19.12
CA ASN A 259 -27.01 1.75 17.86
C ASN A 259 -26.12 0.61 17.40
N TYR A 260 -25.06 0.38 18.17
CA TYR A 260 -24.25 -0.81 18.00
C TYR A 260 -25.10 -1.91 18.54
N GLU A 261 -25.10 -3.03 17.81
CA GLU A 261 -25.89 -4.19 18.16
C GLU A 261 -25.56 -4.77 19.53
N LEU A 262 -24.28 -4.79 19.86
CA LEU A 262 -23.79 -5.44 21.06
C LEU A 262 -23.87 -4.57 22.31
N TYR A 263 -24.42 -3.35 22.17
CA TYR A 263 -24.34 -2.37 23.24
C TYR A 263 -25.06 -2.83 24.51
N GLU A 264 -26.27 -3.34 24.32
CA GLU A 264 -27.05 -3.86 25.44
C GLU A 264 -26.91 -5.37 25.47
N LYS A 265 -26.79 -5.92 24.26
CA LYS A 265 -26.59 -7.32 24.02
C LYS A 265 -25.23 -7.79 24.56
N LEU A 266 -24.60 -6.97 25.41
CA LEU A 266 -23.27 -7.28 25.96
C LEU A 266 -23.15 -6.76 27.40
N GLU A 267 -24.28 -6.61 28.07
CA GLU A 267 -24.30 -6.20 29.48
C GLU A 267 -23.03 -5.49 29.97
N LEU A 268 -22.85 -4.26 29.49
CA LEU A 268 -21.93 -3.31 30.15
C LEU A 268 -22.40 -2.87 31.53
N VAL A 269 -21.45 -2.42 32.36
CA VAL A 269 -21.72 -2.06 33.75
C VAL A 269 -22.46 -0.73 33.81
N LYS A 270 -22.86 -0.31 35.00
CA LYS A 270 -23.68 0.90 35.09
C LYS A 270 -23.34 2.00 36.07
N GLY A 271 -22.77 1.65 37.22
CA GLY A 271 -22.36 2.67 38.19
C GLY A 271 -21.06 3.42 37.86
N GLN A 272 -20.21 2.78 37.07
CA GLN A 272 -18.84 3.23 36.86
C GLN A 272 -18.74 4.68 36.42
N LYS A 273 -17.71 5.39 36.89
CA LYS A 273 -17.47 6.78 36.49
C LYS A 273 -16.01 6.96 36.13
N ARG A 274 -15.69 8.03 35.41
CA ARG A 274 -14.30 8.30 35.00
C ARG A 274 -13.31 8.37 36.16
N LYS A 275 -12.31 7.50 36.11
CA LYS A 275 -11.28 7.43 37.14
C LYS A 275 -9.90 7.52 36.47
N VAL A 276 -9.90 7.99 35.22
CA VAL A 276 -8.67 7.99 34.41
C VAL A 276 -7.58 8.80 35.10
N LYS A 277 -7.94 9.98 35.55
CA LYS A 277 -6.99 10.88 36.20
C LYS A 277 -6.69 10.46 37.65
N ASP A 278 -7.67 9.86 38.32
CA ASP A 278 -7.50 9.41 39.70
C ASP A 278 -6.60 8.17 39.81
N ARG A 279 -6.84 7.19 38.94
CA ARG A 279 -6.14 5.93 39.04
C ARG A 279 -4.69 6.05 38.55
N LEU A 280 -4.44 7.03 37.69
CA LEU A 280 -3.11 7.26 37.14
C LEU A 280 -2.41 8.43 37.84
N LYS A 281 -3.21 9.21 38.57
CA LYS A 281 -2.74 10.31 39.40
C LYS A 281 -1.42 9.98 40.12
N ALA A 282 -1.39 8.77 40.69
CA ALA A 282 -0.24 8.25 41.41
C ALA A 282 1.04 8.29 40.58
N TYR A 283 1.05 7.48 39.51
CA TYR A 283 2.22 7.32 38.66
C TYR A 283 2.69 8.60 37.97
N VAL A 284 1.74 9.38 37.44
CA VAL A 284 2.11 10.46 36.52
C VAL A 284 2.52 11.75 37.21
N ARG A 285 1.66 12.25 38.10
CA ARG A 285 1.99 13.52 38.79
C ARG A 285 1.76 14.78 37.93
N ASP A 286 2.51 14.93 36.84
CA ASP A 286 2.39 16.13 36.00
C ASP A 286 0.96 16.34 35.47
N PRO A 287 0.39 17.51 35.77
CA PRO A 287 -0.99 17.83 35.38
C PRO A 287 -1.20 17.68 33.87
N TYR A 288 -0.31 18.26 33.06
CA TYR A 288 -0.44 18.25 31.60
C TYR A 288 -0.42 16.84 31.02
N ALA A 289 0.53 16.02 31.48
CA ALA A 289 0.57 14.62 31.08
C ALA A 289 -0.76 13.93 31.36
N LEU A 290 -1.30 14.14 32.54
CA LEU A 290 -2.57 13.50 32.90
C LEU A 290 -3.70 14.02 32.01
N ASP A 291 -3.67 15.31 31.68
CA ASP A 291 -4.73 15.87 30.86
C ASP A 291 -4.70 15.28 29.45
N LEU A 292 -3.51 15.19 28.87
CA LEU A 292 -3.37 14.62 27.53
C LEU A 292 -3.79 13.14 27.49
N ILE A 293 -3.36 12.36 28.47
CA ILE A 293 -3.73 10.93 28.51
C ILE A 293 -5.24 10.80 28.60
N ASP A 294 -5.84 11.66 29.41
CA ASP A 294 -7.27 11.68 29.57
C ASP A 294 -7.98 11.96 28.23
N LYS A 295 -7.37 12.81 27.40
CA LYS A 295 -8.00 13.19 26.12
C LYS A 295 -7.75 12.15 25.03
N LEU A 296 -6.74 11.31 25.23
CA LEU A 296 -6.50 10.16 24.36
C LEU A 296 -7.43 8.99 24.68
N LEU A 297 -7.57 8.66 25.97
CA LEU A 297 -8.46 7.57 26.36
C LEU A 297 -9.91 8.01 26.48
N VAL A 298 -10.40 8.72 25.48
CA VAL A 298 -11.78 9.15 25.42
C VAL A 298 -12.64 8.09 24.72
N LEU A 299 -13.83 7.83 25.26
CA LEU A 299 -14.69 6.74 24.78
C LEU A 299 -15.21 6.94 23.35
N ASP A 300 -15.87 8.07 23.11
CA ASP A 300 -16.40 8.33 21.78
C ASP A 300 -15.22 8.69 20.85
N PRO A 301 -14.97 7.83 19.85
CA PRO A 301 -13.89 8.03 18.88
C PRO A 301 -13.92 9.42 18.27
N ALA A 302 -15.09 10.01 18.20
CA ALA A 302 -15.26 11.30 17.54
C ALA A 302 -14.91 12.45 18.47
N GLN A 303 -14.88 12.17 19.77
CA GLN A 303 -14.49 13.18 20.74
C GLN A 303 -13.04 12.97 21.21
N ARG A 304 -12.44 11.88 20.76
CA ARG A 304 -11.05 11.55 21.08
C ARG A 304 -10.09 12.48 20.34
N ILE A 305 -9.14 13.05 21.07
CA ILE A 305 -8.16 13.97 20.50
C ILE A 305 -7.37 13.34 19.33
N ASP A 306 -7.02 14.16 18.34
CA ASP A 306 -6.26 13.66 17.20
C ASP A 306 -4.78 14.02 17.31
N SER A 307 -3.96 13.43 16.44
CA SER A 307 -2.52 13.64 16.59
C SER A 307 -2.15 15.11 16.47
N ASP A 308 -2.85 15.84 15.63
CA ASP A 308 -2.54 17.26 15.44
C ASP A 308 -2.72 18.06 16.72
N ASP A 309 -3.88 17.90 17.34
CA ASP A 309 -4.19 18.62 18.56
C ASP A 309 -3.35 18.11 19.71
N ALA A 310 -3.04 16.82 19.69
CA ALA A 310 -2.27 16.23 20.75
C ALA A 310 -0.89 16.86 20.74
N LEU A 311 -0.33 17.01 19.54
CA LEU A 311 1.00 17.60 19.40
C LEU A 311 1.00 19.03 19.91
N ASN A 312 -0.16 19.67 19.84
CA ASN A 312 -0.31 21.05 20.22
C ASN A 312 -0.56 21.24 21.71
N HIS A 313 -0.92 20.16 22.38
CA HIS A 313 -1.23 20.16 23.81
C HIS A 313 -0.11 20.76 24.66
N ASP A 314 -0.50 21.46 25.74
CA ASP A 314 0.47 22.19 26.54
C ASP A 314 1.56 21.30 27.13
N PHE A 315 1.27 20.01 27.22
CA PHE A 315 2.26 19.02 27.67
C PHE A 315 3.59 19.14 26.92
N PHE A 316 3.53 19.45 25.63
CA PHE A 316 4.74 19.53 24.80
C PHE A 316 5.29 20.96 24.75
N TRP A 317 4.62 21.87 25.45
CA TRP A 317 4.99 23.28 25.34
C TRP A 317 5.16 23.97 26.69
N SER A 318 5.40 23.17 27.72
CA SER A 318 5.69 23.68 29.06
C SER A 318 6.94 22.98 29.58
N ASP A 319 7.51 23.51 30.66
CA ASP A 319 8.74 22.94 31.22
C ASP A 319 8.44 21.71 32.04
N PRO A 320 9.40 20.76 32.04
CA PRO A 320 10.62 20.83 31.23
C PRO A 320 10.28 20.50 29.79
N MET A 321 10.72 21.33 28.85
CA MET A 321 10.48 21.07 27.45
C MET A 321 11.08 19.72 27.03
N PRO A 322 10.52 19.12 25.96
CA PRO A 322 10.97 17.79 25.47
C PRO A 322 12.47 17.76 25.22
N SER A 323 13.14 16.66 25.59
CA SER A 323 14.59 16.59 25.37
C SER A 323 15.00 15.31 24.63
N ASP A 324 16.23 15.29 24.11
CA ASP A 324 16.79 14.12 23.44
C ASP A 324 16.95 12.88 24.32
N LEU A 325 17.03 11.72 23.69
CA LEU A 325 17.08 10.45 24.38
C LEU A 325 18.48 9.90 24.63
N LYS A 326 18.67 9.44 25.87
CA LYS A 326 19.97 9.07 26.43
C LYS A 326 19.88 8.08 27.59
N GLY A 327 21.06 7.51 27.83
CA GLY A 327 21.22 6.27 28.56
C GLY A 327 20.30 5.21 27.98
N MET A 328 20.20 5.14 26.65
CA MET A 328 19.26 4.24 25.95
C MET A 328 18.05 5.02 25.40
N ASN B 9 15.07 4.01 -8.99
CA ASN B 9 14.80 5.48 -9.15
C ASN B 9 13.35 5.80 -9.53
N ASN B 10 13.10 7.08 -9.79
CA ASN B 10 11.90 7.56 -10.49
C ASN B 10 11.95 7.24 -12.00
N LYS B 11 13.11 7.43 -12.61
CA LYS B 11 13.40 7.11 -14.01
C LYS B 11 13.67 5.64 -14.29
N ARG B 12 13.43 4.77 -13.30
CA ARG B 12 13.84 3.38 -13.43
C ARG B 12 13.04 2.64 -14.48
N TRP B 13 11.74 2.91 -14.51
CA TRP B 13 10.90 2.31 -15.52
C TRP B 13 10.58 3.22 -16.70
N TYR B 14 11.44 4.21 -16.98
CA TYR B 14 11.26 5.03 -18.18
C TYR B 14 12.46 4.87 -19.10
N PHE B 15 12.19 4.64 -20.38
CA PHE B 15 13.24 4.26 -21.32
C PHE B 15 13.33 5.24 -22.47
N THR B 16 14.55 5.50 -22.92
CA THR B 16 14.77 6.27 -24.13
C THR B 16 14.42 5.39 -25.34
N ARG B 17 14.19 6.02 -26.49
CA ARG B 17 13.90 5.25 -27.73
C ARG B 17 15.05 4.29 -28.02
N GLU B 18 16.27 4.76 -27.79
CA GLU B 18 17.45 3.92 -28.02
C GLU B 18 17.37 2.65 -27.19
N GLN B 19 16.88 2.80 -25.96
CA GLN B 19 16.78 1.68 -25.03
C GLN B 19 15.69 0.70 -25.43
N LEU B 20 14.57 1.20 -25.91
CA LEU B 20 13.53 0.33 -26.45
C LEU B 20 13.93 -0.51 -27.67
N GLU B 21 14.69 0.07 -28.58
CA GLU B 21 15.32 -0.69 -29.64
C GLU B 21 16.18 -1.84 -29.11
N ASN B 22 17.02 -1.60 -28.10
CA ASN B 22 17.86 -2.67 -27.54
C ASN B 22 17.19 -3.48 -26.44
N SER B 23 15.99 -3.97 -26.70
CA SER B 23 15.22 -4.72 -25.71
C SER B 23 15.74 -6.13 -25.50
N PRO B 24 15.40 -6.76 -24.37
CA PRO B 24 15.89 -8.14 -24.16
C PRO B 24 15.50 -9.01 -25.33
N SER B 25 14.31 -8.79 -25.87
CA SER B 25 13.84 -9.58 -27.00
C SER B 25 14.63 -9.33 -28.26
N ARG B 26 15.00 -8.08 -28.56
CA ARG B 26 15.86 -7.80 -29.75
C ARG B 26 17.16 -8.61 -29.62
N ARG B 27 17.73 -8.62 -28.42
CA ARG B 27 18.94 -9.37 -28.12
C ARG B 27 18.82 -10.86 -28.41
N PHE B 28 17.59 -11.36 -28.50
CA PHE B 28 17.40 -12.75 -28.91
C PHE B 28 16.83 -12.93 -30.32
N GLY B 29 16.99 -11.91 -31.16
CA GLY B 29 16.64 -12.05 -32.56
C GLY B 29 15.25 -11.74 -32.96
N VAL B 30 14.55 -10.97 -32.13
CA VAL B 30 13.14 -10.66 -32.39
C VAL B 30 13.06 -9.27 -32.97
N ASP B 31 12.46 -9.15 -34.14
CA ASP B 31 12.30 -7.86 -34.77
C ASP B 31 11.55 -6.89 -33.89
N PRO B 32 11.86 -5.60 -34.02
CA PRO B 32 11.10 -4.56 -33.35
C PRO B 32 9.61 -4.69 -33.66
N ASP B 33 9.29 -5.04 -34.91
CA ASP B 33 7.89 -5.15 -35.33
C ASP B 33 7.15 -6.29 -34.64
N LYS B 34 7.83 -7.44 -34.59
CA LYS B 34 7.31 -8.64 -34.01
C LYS B 34 7.04 -8.37 -32.54
N GLU B 35 8.00 -7.73 -31.86
CA GLU B 35 7.85 -7.43 -30.44
C GLU B 35 6.64 -6.56 -30.14
N LEU B 36 6.41 -5.51 -30.94
CA LEU B 36 5.22 -4.65 -30.68
C LEU B 36 3.97 -5.50 -30.76
N SER B 37 3.97 -6.47 -31.68
CA SER B 37 2.84 -7.40 -31.80
C SER B 37 2.67 -8.20 -30.54
N TYR B 38 3.76 -8.83 -30.09
CA TYR B 38 3.75 -9.64 -28.89
C TYR B 38 3.16 -8.88 -27.71
N ARG B 39 3.45 -7.59 -27.61
CA ARG B 39 2.86 -6.75 -26.57
C ARG B 39 1.38 -6.55 -26.77
N GLN B 40 0.99 -6.22 -28.00
CA GLN B 40 -0.40 -5.93 -28.30
C GLN B 40 -1.24 -7.17 -28.02
N GLN B 41 -0.66 -8.33 -28.33
CA GLN B 41 -1.33 -9.59 -28.09
C GLN B 41 -1.53 -9.85 -26.61
N ALA B 42 -0.46 -9.61 -25.84
CA ALA B 42 -0.58 -9.84 -24.43
C ALA B 42 -1.69 -8.97 -23.82
N ALA B 43 -1.73 -7.70 -24.25
CA ALA B 43 -2.70 -6.73 -23.75
C ALA B 43 -4.11 -7.15 -24.20
N ASN B 44 -4.24 -7.70 -25.41
CA ASN B 44 -5.54 -8.26 -25.81
C ASN B 44 -5.98 -9.36 -24.84
N LEU B 45 -5.08 -10.30 -24.60
CA LEU B 45 -5.38 -11.43 -23.72
C LEU B 45 -5.77 -10.95 -22.34
N LEU B 46 -5.01 -9.98 -21.83
CA LEU B 46 -5.34 -9.39 -20.54
C LEU B 46 -6.73 -8.79 -20.57
N GLN B 47 -7.02 -8.00 -21.60
CA GLN B 47 -8.34 -7.40 -21.73
C GLN B 47 -9.46 -8.46 -21.78
N ASP B 48 -9.25 -9.50 -22.58
CA ASP B 48 -10.23 -10.57 -22.70
C ASP B 48 -10.43 -11.28 -21.36
N MET B 49 -9.36 -11.81 -20.78
CA MET B 49 -9.48 -12.51 -19.47
C MET B 49 -10.14 -11.60 -18.41
N GLY B 50 -9.71 -10.34 -18.40
CA GLY B 50 -10.12 -9.41 -17.35
C GLY B 50 -11.62 -9.16 -17.44
N GLN B 51 -12.09 -9.12 -18.68
CA GLN B 51 -13.54 -8.89 -18.90
C GLN B 51 -14.34 -10.08 -18.43
N ARG B 52 -13.85 -11.28 -18.75
CA ARG B 52 -14.57 -12.48 -18.30
C ARG B 52 -14.45 -12.67 -16.77
N LEU B 53 -13.29 -12.33 -16.19
CA LEU B 53 -13.09 -12.48 -14.76
C LEU B 53 -13.82 -11.38 -14.04
N ASN B 54 -14.45 -10.50 -14.80
CA ASN B 54 -15.18 -9.40 -14.23
C ASN B 54 -14.30 -8.50 -13.38
N VAL B 55 -13.12 -8.14 -13.91
CA VAL B 55 -12.28 -7.21 -13.10
C VAL B 55 -12.39 -5.82 -13.72
N SER B 56 -11.94 -4.81 -12.98
CA SER B 56 -12.01 -3.43 -13.48
C SER B 56 -11.03 -3.18 -14.60
N GLN B 57 -11.35 -2.21 -15.45
CA GLN B 57 -10.38 -1.74 -16.44
C GLN B 57 -9.13 -1.23 -15.75
N LEU B 58 -9.27 -0.63 -14.56
CA LEU B 58 -8.05 -0.24 -13.82
C LEU B 58 -7.11 -1.46 -13.55
N THR B 59 -7.67 -2.55 -13.04
CA THR B 59 -6.88 -3.75 -12.77
C THR B 59 -6.21 -4.27 -14.07
N ILE B 60 -6.95 -4.29 -15.16
CA ILE B 60 -6.37 -4.77 -16.41
C ILE B 60 -5.19 -3.87 -16.83
N ASN B 61 -5.40 -2.55 -16.68
CA ASN B 61 -4.36 -1.59 -17.06
C ASN B 61 -3.10 -1.83 -16.24
N THR B 62 -3.26 -1.99 -14.92
CA THR B 62 -2.14 -2.36 -14.06
C THR B 62 -1.45 -3.59 -14.64
N ALA B 63 -2.20 -4.64 -14.96
CA ALA B 63 -1.57 -5.86 -15.49
C ALA B 63 -0.84 -5.58 -16.81
N ILE B 64 -1.40 -4.71 -17.65
CA ILE B 64 -0.71 -4.37 -18.89
C ILE B 64 0.61 -3.64 -18.63
N VAL B 65 0.61 -2.67 -17.72
CA VAL B 65 1.88 -2.00 -17.33
C VAL B 65 2.89 -3.03 -16.80
N TYR B 66 2.43 -3.94 -15.96
CA TYR B 66 3.33 -4.98 -15.42
C TYR B 66 4.00 -5.71 -16.58
N MET B 67 3.17 -6.15 -17.51
CA MET B 67 3.61 -6.78 -18.72
C MET B 67 4.60 -5.95 -19.48
N HIS B 68 4.25 -4.70 -19.75
CA HIS B 68 5.15 -3.85 -20.55
C HIS B 68 6.52 -3.81 -19.90
N ARG B 69 6.53 -3.61 -18.59
CA ARG B 69 7.78 -3.46 -17.86
C ARG B 69 8.56 -4.76 -17.74
N PHE B 70 7.82 -5.86 -17.56
CA PHE B 70 8.42 -7.16 -17.42
C PHE B 70 9.26 -7.44 -18.66
N TYR B 71 8.75 -7.08 -19.83
CA TYR B 71 9.46 -7.29 -21.05
C TYR B 71 10.52 -6.28 -21.41
N MET B 72 10.80 -5.31 -20.54
CA MET B 72 12.02 -4.53 -20.69
C MET B 72 13.17 -5.23 -20.01
N ILE B 73 12.87 -6.32 -19.30
CA ILE B 73 13.92 -7.03 -18.55
C ILE B 73 14.02 -8.47 -19.05
N GLN B 74 12.88 -9.10 -19.30
CA GLN B 74 12.88 -10.45 -19.82
C GLN B 74 12.53 -10.46 -21.29
N SER B 75 12.90 -11.54 -21.97
CA SER B 75 12.63 -11.69 -23.39
C SER B 75 11.41 -12.56 -23.68
N PHE B 76 10.70 -12.20 -24.76
CA PHE B 76 9.55 -12.93 -25.23
C PHE B 76 10.00 -14.32 -25.67
N THR B 77 11.25 -14.45 -26.09
CA THR B 77 11.73 -15.78 -26.46
C THR B 77 11.78 -16.76 -25.32
N ARG B 78 11.93 -16.27 -24.08
CA ARG B 78 12.02 -17.18 -22.93
C ARG B 78 10.71 -17.24 -22.17
N PHE B 79 9.97 -16.15 -22.12
CA PHE B 79 8.66 -16.13 -21.46
C PHE B 79 7.59 -15.62 -22.42
N PRO B 80 6.77 -16.54 -22.91
CA PRO B 80 5.72 -16.23 -23.84
C PRO B 80 4.59 -15.44 -23.18
N GLY B 81 4.00 -14.50 -23.92
CA GLY B 81 2.93 -13.69 -23.38
C GLY B 81 1.77 -14.50 -22.81
N ASN B 82 1.39 -15.59 -23.48
CA ASN B 82 0.29 -16.43 -23.00
C ASN B 82 0.52 -17.05 -21.63
N SER B 83 1.76 -17.02 -21.16
CA SER B 83 2.11 -17.55 -19.85
C SER B 83 2.17 -16.41 -18.85
N VAL B 84 2.77 -15.30 -19.25
CA VAL B 84 2.91 -14.12 -18.45
C VAL B 84 1.58 -13.38 -18.16
N ALA B 85 0.73 -13.27 -19.16
CA ALA B 85 -0.49 -12.48 -19.07
C ALA B 85 -1.35 -12.90 -17.91
N PRO B 86 -1.75 -14.19 -17.86
CA PRO B 86 -2.52 -14.72 -16.76
C PRO B 86 -1.84 -14.52 -15.40
N ALA B 87 -0.53 -14.73 -15.34
CA ALA B 87 0.17 -14.46 -14.08
C ALA B 87 0.12 -12.98 -13.70
N ALA B 88 0.33 -12.12 -14.69
CA ALA B 88 0.30 -10.67 -14.46
C ALA B 88 -1.09 -10.27 -13.98
N LEU B 89 -2.12 -10.77 -14.66
CA LEU B 89 -3.50 -10.45 -14.26
C LEU B 89 -3.83 -10.96 -12.85
N PHE B 90 -3.47 -12.20 -12.56
CA PHE B 90 -3.62 -12.72 -11.20
C PHE B 90 -3.04 -11.77 -10.15
N LEU B 91 -1.84 -11.30 -10.42
CA LEU B 91 -1.14 -10.41 -9.47
C LEU B 91 -1.81 -9.04 -9.36
N ALA B 92 -2.10 -8.42 -10.49
CA ALA B 92 -2.72 -7.11 -10.53
C ALA B 92 -4.06 -7.09 -9.77
N ALA B 93 -4.83 -8.17 -9.94
CA ALA B 93 -6.10 -8.27 -9.22
C ALA B 93 -5.87 -8.33 -7.71
N LYS B 94 -4.76 -8.98 -7.30
CA LYS B 94 -4.51 -9.06 -5.84
C LYS B 94 -4.14 -7.67 -5.36
N VAL B 95 -3.18 -7.07 -6.04
CA VAL B 95 -2.73 -5.73 -5.72
C VAL B 95 -3.86 -4.70 -5.76
N GLU B 96 -4.75 -4.78 -6.76
CA GLU B 96 -5.80 -3.75 -6.80
C GLU B 96 -6.98 -4.03 -5.89
N GLY B 97 -6.90 -5.06 -5.04
CA GLY B 97 -7.98 -5.34 -4.10
C GLY B 97 -9.20 -5.93 -4.80
N GLN B 98 -9.02 -6.57 -5.93
CA GLN B 98 -10.10 -7.40 -6.50
C GLN B 98 -9.61 -8.82 -6.67
N PRO B 99 -9.18 -9.48 -5.59
CA PRO B 99 -8.44 -10.75 -5.77
C PRO B 99 -9.31 -11.77 -6.53
N LYS B 100 -8.74 -12.46 -7.51
CA LYS B 100 -9.44 -13.60 -8.12
C LYS B 100 -8.70 -14.89 -7.77
N LYS B 101 -9.47 -15.94 -7.49
CA LYS B 101 -8.88 -17.21 -7.09
C LYS B 101 -7.98 -17.86 -8.15
N LEU B 102 -6.91 -18.48 -7.69
CA LEU B 102 -5.91 -19.03 -8.61
C LEU B 102 -6.55 -20.01 -9.59
N GLU B 103 -7.47 -20.83 -9.09
CA GLU B 103 -8.15 -21.83 -9.93
C GLU B 103 -9.00 -21.17 -11.01
N HIS B 104 -9.55 -20.01 -10.67
CA HIS B 104 -10.50 -19.32 -11.54
C HIS B 104 -9.74 -18.64 -12.69
N VAL B 105 -8.63 -17.99 -12.32
CA VAL B 105 -7.78 -17.38 -13.31
C VAL B 105 -7.30 -18.47 -14.28
N ILE B 106 -6.85 -19.59 -13.73
CA ILE B 106 -6.36 -20.68 -14.58
C ILE B 106 -7.43 -21.15 -15.55
N LYS B 107 -8.65 -21.29 -15.05
CA LYS B 107 -9.74 -21.77 -15.86
C LYS B 107 -10.06 -20.81 -16.98
N VAL B 108 -10.18 -19.52 -16.64
CA VAL B 108 -10.52 -18.53 -17.66
C VAL B 108 -9.43 -18.41 -18.72
N ALA B 109 -8.19 -18.39 -18.27
CA ALA B 109 -7.04 -18.38 -19.21
C ALA B 109 -7.13 -19.58 -20.15
N HIS B 110 -7.57 -20.72 -19.62
CA HIS B 110 -7.59 -21.93 -20.43
C HIS B 110 -8.61 -21.79 -21.56
N THR B 111 -9.81 -21.30 -21.24
CA THR B 111 -10.82 -21.15 -22.24
C THR B 111 -10.39 -20.14 -23.29
N CYS B 112 -9.80 -19.04 -22.87
CA CYS B 112 -9.35 -18.00 -23.79
C CYS B 112 -8.37 -18.59 -24.81
N LEU B 113 -7.33 -19.22 -24.29
CA LEU B 113 -6.26 -19.73 -25.18
C LEU B 113 -6.75 -20.96 -25.93
N HIS B 114 -7.65 -21.73 -25.37
CA HIS B 114 -7.96 -22.98 -26.07
C HIS B 114 -9.44 -23.22 -26.16
N PRO B 115 -10.18 -22.36 -26.84
CA PRO B 115 -11.62 -22.35 -26.74
C PRO B 115 -12.24 -23.71 -27.00
N GLN B 116 -11.68 -24.49 -27.91
CA GLN B 116 -12.28 -25.82 -28.22
C GLN B 116 -11.88 -26.85 -27.17
N GLU B 117 -10.62 -26.80 -26.72
CA GLU B 117 -10.12 -27.80 -25.83
C GLU B 117 -10.93 -28.02 -24.55
N SER B 118 -10.67 -29.15 -23.91
CA SER B 118 -11.42 -29.58 -22.76
C SER B 118 -10.64 -29.34 -21.46
N LEU B 119 -11.27 -28.78 -20.43
CA LEU B 119 -10.54 -28.53 -19.18
C LEU B 119 -10.03 -29.83 -18.55
N PRO B 120 -8.76 -29.81 -18.08
CA PRO B 120 -8.23 -31.03 -17.48
C PRO B 120 -8.88 -31.36 -16.14
N ASP B 121 -8.99 -32.64 -15.84
CA ASP B 121 -9.38 -33.08 -14.48
C ASP B 121 -8.55 -32.25 -13.50
N THR B 122 -9.22 -31.43 -12.70
CA THR B 122 -8.51 -30.67 -11.65
C THR B 122 -7.79 -31.59 -10.69
N ARG B 123 -8.06 -32.88 -10.77
CA ARG B 123 -7.30 -33.82 -9.95
C ARG B 123 -5.99 -34.18 -10.61
N SER B 124 -5.82 -33.88 -11.88
CA SER B 124 -4.70 -34.43 -12.63
C SER B 124 -3.34 -33.88 -12.25
N GLU B 125 -2.29 -34.57 -12.71
CA GLU B 125 -0.92 -34.11 -12.55
C GLU B 125 -0.61 -32.97 -13.50
N ALA B 126 -1.24 -33.00 -14.68
CA ALA B 126 -1.07 -31.97 -15.66
C ALA B 126 -1.65 -30.64 -15.15
N TYR B 127 -2.72 -30.73 -14.37
CA TYR B 127 -3.37 -29.53 -13.89
C TYR B 127 -2.63 -28.99 -12.69
N LEU B 128 -2.28 -29.89 -11.77
CA LEU B 128 -1.51 -29.47 -10.61
C LEU B 128 -0.24 -28.73 -11.03
N GLN B 129 0.37 -29.19 -12.12
CA GLN B 129 1.56 -28.56 -12.66
C GLN B 129 1.27 -27.13 -13.07
N GLN B 130 0.14 -26.90 -13.75
CA GLN B 130 -0.06 -25.56 -14.33
C GLN B 130 -0.40 -24.57 -13.23
N VAL B 131 -1.16 -25.02 -12.24
CA VAL B 131 -1.31 -24.21 -11.00
C VAL B 131 0.08 -23.77 -10.50
N GLN B 132 0.94 -24.76 -10.34
CA GLN B 132 2.27 -24.51 -9.81
C GLN B 132 3.09 -23.59 -10.73
N ASP B 133 2.87 -23.73 -12.03
CA ASP B 133 3.55 -22.89 -13.02
C ASP B 133 3.17 -21.42 -12.90
N LEU B 134 1.87 -21.17 -12.66
CA LEU B 134 1.39 -19.79 -12.58
C LEU B 134 1.96 -19.10 -11.35
N VAL B 135 1.88 -19.77 -10.22
CA VAL B 135 2.54 -19.30 -9.01
C VAL B 135 4.03 -19.05 -9.22
N ILE B 136 4.70 -19.90 -9.99
CA ILE B 136 6.11 -19.66 -10.18
C ILE B 136 6.33 -18.39 -10.98
N LEU B 137 5.51 -18.18 -11.98
CA LEU B 137 5.61 -17.04 -12.86
C LEU B 137 5.32 -15.74 -12.12
N GLU B 138 4.31 -15.77 -11.25
CA GLU B 138 3.93 -14.56 -10.49
C GLU B 138 5.16 -14.10 -9.71
N SER B 139 5.86 -15.09 -9.17
CA SER B 139 7.06 -14.84 -8.40
C SER B 139 8.21 -14.26 -9.22
N ILE B 140 8.36 -14.76 -10.45
CA ILE B 140 9.35 -14.21 -11.37
C ILE B 140 8.96 -12.80 -11.83
N ILE B 141 7.67 -12.54 -11.90
CA ILE B 141 7.21 -11.18 -12.25
C ILE B 141 7.53 -10.22 -11.11
N LEU B 142 7.16 -10.60 -9.90
CA LEU B 142 7.45 -9.84 -8.68
C LEU B 142 8.89 -9.42 -8.57
N GLN B 143 9.81 -10.34 -8.85
CA GLN B 143 11.24 -10.10 -8.70
C GLN B 143 11.78 -9.29 -9.85
N THR B 144 11.17 -9.46 -11.03
CA THR B 144 11.58 -8.72 -12.19
C THR B 144 11.23 -7.26 -11.95
N LEU B 145 10.08 -6.99 -11.33
CA LEU B 145 9.68 -5.62 -11.06
C LEU B 145 10.29 -5.11 -9.75
N GLY B 146 11.14 -5.94 -9.14
CA GLY B 146 11.77 -5.58 -7.89
C GLY B 146 10.67 -5.15 -6.94
N PHE B 147 9.53 -5.84 -6.94
CA PHE B 147 8.44 -5.59 -5.98
C PHE B 147 7.78 -4.25 -5.95
N GLU B 148 7.90 -3.53 -7.07
CA GLU B 148 7.29 -2.21 -7.20
C GLU B 148 6.00 -2.27 -8.02
N LEU B 149 4.88 -2.31 -7.32
CA LEU B 149 3.62 -2.68 -7.92
C LEU B 149 2.62 -1.54 -7.87
N THR B 150 3.01 -0.42 -7.25
CA THR B 150 2.07 0.69 -7.16
C THR B 150 2.19 1.41 -8.50
N ILE B 151 1.13 1.37 -9.30
CA ILE B 151 1.13 2.03 -10.57
C ILE B 151 0.37 3.35 -10.52
N ASP B 152 0.85 4.37 -11.22
CA ASP B 152 0.06 5.62 -11.35
C ASP B 152 -1.04 5.39 -12.38
N HIS B 153 -2.29 5.52 -11.99
CA HIS B 153 -3.40 5.17 -12.89
C HIS B 153 -3.73 6.33 -13.83
N PRO B 154 -3.58 6.11 -15.16
CA PRO B 154 -3.65 7.29 -16.09
C PRO B 154 -5.04 7.88 -16.31
N HIS B 155 -6.06 7.04 -16.14
CA HIS B 155 -7.46 7.49 -16.29
C HIS B 155 -7.73 8.67 -15.37
N THR B 156 -7.14 8.64 -14.18
CA THR B 156 -7.31 9.73 -13.21
C THR B 156 -6.86 11.02 -13.88
N HIS B 157 -5.69 10.96 -14.54
CA HIS B 157 -5.13 12.17 -15.18
C HIS B 157 -6.01 12.70 -16.32
N VAL B 158 -6.69 11.77 -17.01
CA VAL B 158 -7.50 12.13 -18.13
C VAL B 158 -8.73 12.89 -17.65
N VAL B 159 -9.51 12.27 -16.79
CA VAL B 159 -10.62 12.96 -16.15
C VAL B 159 -10.23 14.40 -15.79
N LYS B 160 -9.09 14.61 -15.14
CA LYS B 160 -8.65 15.96 -14.71
C LYS B 160 -8.45 16.91 -15.87
N CYS B 161 -7.89 16.40 -16.95
CA CYS B 161 -7.62 17.23 -18.11
C CYS B 161 -8.92 17.65 -18.77
N THR B 162 -9.84 16.71 -18.90
CA THR B 162 -11.09 16.99 -19.59
C THR B 162 -11.96 17.95 -18.79
N GLN B 163 -11.74 17.99 -17.48
CA GLN B 163 -12.35 19.07 -16.66
C GLN B 163 -11.76 20.43 -16.99
N LEU B 164 -10.43 20.55 -16.91
CA LEU B 164 -9.78 21.78 -17.34
C LEU B 164 -10.20 22.22 -18.72
N VAL B 165 -10.56 21.34 -19.64
CA VAL B 165 -10.88 21.91 -20.96
C VAL B 165 -12.40 21.98 -21.19
N ARG B 166 -13.17 21.81 -20.10
CA ARG B 166 -14.62 21.78 -20.18
C ARG B 166 -15.13 20.97 -21.39
N ALA B 167 -14.60 19.77 -21.49
CA ALA B 167 -14.99 18.90 -22.57
C ALA B 167 -16.43 18.43 -22.39
N SER B 168 -17.15 18.23 -23.49
CA SER B 168 -18.43 17.52 -23.43
C SER B 168 -18.25 16.09 -22.93
N LYS B 169 -19.33 15.46 -22.49
CA LYS B 169 -19.30 14.00 -22.16
C LYS B 169 -18.60 13.24 -23.30
N ASP B 170 -19.02 13.49 -24.54
CA ASP B 170 -18.48 12.87 -25.75
C ASP B 170 -16.96 13.05 -25.83
N LEU B 171 -16.49 14.30 -25.78
CA LEU B 171 -15.03 14.53 -25.88
C LEU B 171 -14.30 13.71 -24.83
N ALA B 172 -14.76 13.76 -23.60
CA ALA B 172 -14.15 13.01 -22.53
C ALA B 172 -14.17 11.51 -22.79
N GLN B 173 -15.33 10.99 -23.23
CA GLN B 173 -15.45 9.56 -23.54
C GLN B 173 -14.42 9.13 -24.60
N THR B 174 -14.16 10.04 -25.53
CA THR B 174 -13.23 9.74 -26.63
C THR B 174 -11.80 9.82 -26.11
N SER B 175 -11.59 10.67 -25.10
CA SER B 175 -10.25 10.86 -24.57
C SER B 175 -9.89 9.59 -23.80
N TYR B 176 -10.87 9.03 -23.10
CA TYR B 176 -10.65 7.80 -22.33
C TYR B 176 -10.35 6.62 -23.27
N PHE B 177 -11.07 6.60 -24.39
CA PHE B 177 -10.83 5.64 -25.45
C PHE B 177 -9.41 5.70 -25.95
N MET B 178 -8.95 6.91 -26.26
CA MET B 178 -7.58 7.11 -26.69
C MET B 178 -6.64 6.60 -25.62
N ALA B 179 -6.91 6.97 -24.37
CA ALA B 179 -6.10 6.48 -23.24
C ALA B 179 -5.98 4.97 -23.13
N THR B 180 -7.12 4.26 -23.10
CA THR B 180 -7.07 2.80 -22.95
C THR B 180 -6.31 2.21 -24.13
N ASN B 181 -6.66 2.69 -25.34
CA ASN B 181 -5.97 2.18 -26.55
C ASN B 181 -4.46 2.40 -26.58
N SER B 182 -4.01 3.51 -26.01
CA SER B 182 -2.55 3.75 -25.99
C SER B 182 -1.81 2.64 -25.23
N LEU B 183 -2.37 2.20 -24.09
CA LEU B 183 -1.72 1.10 -23.36
C LEU B 183 -1.67 -0.19 -24.13
N HIS B 184 -2.79 -0.60 -24.75
CA HIS B 184 -2.77 -1.84 -25.53
C HIS B 184 -1.83 -1.72 -26.74
N LEU B 185 -1.81 -0.53 -27.34
CA LEU B 185 -1.24 -0.41 -28.66
C LEU B 185 0.14 0.19 -28.68
N THR B 186 0.58 0.87 -27.61
CA THR B 186 1.88 1.54 -27.75
C THR B 186 2.72 1.31 -26.53
N THR B 187 4.03 1.61 -26.65
CA THR B 187 4.88 1.61 -25.46
C THR B 187 5.00 2.98 -24.83
N PHE B 188 3.98 3.84 -24.99
CA PHE B 188 4.05 5.17 -24.44
C PHE B 188 4.23 5.10 -22.96
N SER B 189 3.62 4.11 -22.31
CA SER B 189 3.71 4.08 -20.84
C SER B 189 5.15 3.87 -20.39
N LEU B 190 5.95 3.14 -21.18
CA LEU B 190 7.36 2.94 -20.86
C LEU B 190 8.23 4.17 -21.12
N GLN B 191 7.68 5.16 -21.81
CA GLN B 191 8.51 6.30 -22.20
C GLN B 191 8.04 7.59 -21.59
N TYR B 192 6.73 7.74 -21.39
CA TYR B 192 6.22 9.00 -20.94
C TYR B 192 5.37 8.89 -19.67
N THR B 193 5.53 9.86 -18.80
CA THR B 193 4.77 9.91 -17.53
C THR B 193 3.29 9.96 -17.82
N PRO B 194 2.49 9.47 -16.86
CA PRO B 194 1.03 9.36 -17.06
C PRO B 194 0.37 10.66 -17.46
N PRO B 195 0.82 11.77 -16.87
CA PRO B 195 0.22 13.08 -17.16
C PRO B 195 0.44 13.52 -18.61
N VAL B 196 1.62 13.19 -19.12
CA VAL B 196 1.98 13.54 -20.51
C VAL B 196 1.16 12.70 -21.49
N VAL B 197 1.12 11.39 -21.27
CA VAL B 197 0.23 10.52 -22.02
C VAL B 197 -1.20 11.05 -22.03
N ALA B 198 -1.66 11.52 -20.89
CA ALA B 198 -3.04 12.06 -20.83
C ALA B 198 -3.23 13.23 -21.79
N CYS B 199 -2.23 14.11 -21.81
CA CYS B 199 -2.31 15.28 -22.68
C CYS B 199 -2.43 14.81 -24.11
N VAL B 200 -1.60 13.81 -24.45
CA VAL B 200 -1.57 13.29 -25.83
C VAL B 200 -2.94 12.79 -26.26
N CYS B 201 -3.54 11.96 -25.40
CA CYS B 201 -4.90 11.44 -25.65
C CYS B 201 -5.97 12.53 -25.81
N ILE B 202 -5.89 13.56 -24.98
CA ILE B 202 -6.83 14.68 -25.08
C ILE B 202 -6.56 15.47 -26.38
N HIS B 203 -5.29 15.75 -26.64
CA HIS B 203 -4.91 16.38 -27.91
C HIS B 203 -5.58 15.66 -29.08
N LEU B 204 -5.30 14.37 -29.21
CA LEU B 204 -5.82 13.61 -30.35
C LEU B 204 -7.34 13.58 -30.41
N ALA B 205 -7.97 13.51 -29.24
CA ALA B 205 -9.44 13.39 -29.20
C ALA B 205 -10.07 14.68 -29.70
N CYS B 206 -9.48 15.80 -29.29
CA CYS B 206 -9.84 17.10 -29.87
C CYS B 206 -9.67 17.05 -31.38
N LYS B 207 -8.46 16.73 -31.85
CA LYS B 207 -8.19 16.70 -33.29
C LYS B 207 -9.25 15.86 -34.05
N TRP B 208 -9.55 14.69 -33.51
CA TRP B 208 -10.50 13.80 -34.10
C TRP B 208 -11.91 14.35 -34.09
N SER B 209 -12.30 15.06 -33.03
CA SER B 209 -13.70 15.51 -32.92
C SER B 209 -13.79 16.91 -33.52
N ASN B 210 -12.63 17.41 -33.96
CA ASN B 210 -12.53 18.74 -34.50
C ASN B 210 -12.97 19.81 -33.49
N TRP B 211 -12.80 19.52 -32.21
CA TRP B 211 -12.88 20.52 -31.16
C TRP B 211 -11.60 21.35 -31.09
N GLU B 212 -11.74 22.65 -30.88
CA GLU B 212 -10.55 23.48 -30.63
C GLU B 212 -10.52 24.04 -29.23
N ILE B 213 -9.41 23.82 -28.53
CA ILE B 213 -9.26 24.38 -27.18
C ILE B 213 -8.81 25.83 -27.24
N PRO B 214 -9.60 26.73 -26.62
CA PRO B 214 -9.30 28.18 -26.71
C PRO B 214 -7.94 28.48 -26.06
N VAL B 215 -7.10 29.20 -26.80
CA VAL B 215 -5.88 29.78 -26.21
C VAL B 215 -6.24 30.67 -25.01
N SER B 216 -5.70 30.37 -23.84
CA SER B 216 -6.00 31.17 -22.65
C SER B 216 -5.98 32.66 -22.97
N THR B 217 -6.65 33.47 -22.16
CA THR B 217 -6.51 34.93 -22.24
C THR B 217 -5.07 35.41 -22.07
N ASP B 218 -4.26 34.58 -21.40
CA ASP B 218 -2.85 34.80 -21.25
C ASP B 218 -2.03 34.39 -22.48
N GLY B 219 -2.71 33.81 -23.48
CA GLY B 219 -2.05 33.26 -24.64
C GLY B 219 -1.33 31.99 -24.24
N LYS B 220 -1.74 31.36 -23.13
CA LYS B 220 -1.09 30.12 -22.72
C LYS B 220 -1.93 28.89 -22.96
N HIS B 221 -1.30 27.85 -23.53
CA HIS B 221 -2.01 26.66 -23.97
C HIS B 221 -2.34 25.78 -22.76
N TRP B 222 -3.43 25.03 -22.85
CA TRP B 222 -3.88 24.19 -21.73
C TRP B 222 -2.87 23.17 -21.10
N TRP B 223 -2.24 22.40 -21.96
CA TRP B 223 -1.34 21.35 -21.51
C TRP B 223 -0.25 21.90 -20.59
N GLU B 224 -0.05 23.22 -20.66
CA GLU B 224 0.92 23.90 -19.82
C GLU B 224 0.46 23.89 -18.38
N TYR B 225 -0.85 24.02 -18.17
CA TYR B 225 -1.46 23.81 -16.88
C TYR B 225 -1.44 22.37 -16.42
N VAL B 226 -1.09 21.46 -17.32
CA VAL B 226 -0.92 20.03 -16.96
C VAL B 226 0.51 19.45 -16.73
N ASP B 227 1.44 19.71 -17.63
CA ASP B 227 2.78 19.26 -17.36
C ASP B 227 3.72 20.30 -17.95
N ALA B 228 4.70 20.72 -17.16
CA ALA B 228 5.64 21.79 -17.62
C ALA B 228 6.37 21.35 -18.92
N THR B 229 6.93 20.15 -18.88
CA THR B 229 7.72 19.67 -20.00
C THR B 229 6.95 19.77 -21.32
N VAL B 230 5.64 19.59 -21.29
CA VAL B 230 4.91 19.27 -22.51
C VAL B 230 4.89 20.40 -23.53
N THR B 231 5.16 20.04 -24.79
CA THR B 231 5.17 20.99 -25.89
C THR B 231 4.31 20.54 -27.09
N LEU B 232 3.83 21.50 -27.88
CA LEU B 232 2.99 21.17 -29.02
C LEU B 232 3.72 20.26 -29.98
N GLU B 233 5.02 20.49 -30.15
CA GLU B 233 5.90 19.67 -31.02
C GLU B 233 5.84 18.20 -30.64
N LEU B 234 6.00 17.95 -29.34
CA LEU B 234 5.96 16.61 -28.79
C LEU B 234 4.58 16.01 -28.97
N LEU B 235 3.55 16.73 -28.53
CA LEU B 235 2.18 16.26 -28.74
C LEU B 235 1.80 15.87 -30.17
N ASP B 236 2.24 16.65 -31.16
CA ASP B 236 1.89 16.30 -32.55
C ASP B 236 2.61 15.03 -32.99
N GLU B 237 3.88 14.91 -32.60
CA GLU B 237 4.65 13.69 -32.93
C GLU B 237 3.95 12.47 -32.32
N LEU B 238 3.50 12.59 -31.07
CA LEU B 238 2.91 11.45 -30.37
C LEU B 238 1.51 11.09 -30.83
N THR B 239 0.63 12.08 -30.95
CA THR B 239 -0.73 11.84 -31.48
C THR B 239 -0.69 11.24 -32.89
N HIS B 240 0.31 11.63 -33.67
CA HIS B 240 0.47 11.05 -35.00
C HIS B 240 0.81 9.57 -34.91
N GLU B 241 1.83 9.24 -34.10
CA GLU B 241 2.20 7.85 -33.85
C GLU B 241 1.01 7.04 -33.38
N LEU B 242 0.28 7.60 -32.42
CA LEU B 242 -0.89 6.90 -31.89
C LEU B 242 -2.01 6.72 -32.92
N LEU B 243 -2.25 7.78 -33.72
CA LEU B 243 -3.25 7.68 -34.77
C LEU B 243 -2.93 6.62 -35.82
N GLN B 244 -1.66 6.49 -36.19
CA GLN B 244 -1.30 5.58 -37.28
C GLN B 244 -1.57 4.15 -36.87
N ILE B 245 -1.33 3.86 -35.59
CA ILE B 245 -1.48 2.49 -35.08
C ILE B 245 -2.96 2.18 -34.87
N LEU B 246 -3.71 3.21 -34.46
CA LEU B 246 -5.19 3.10 -34.48
C LEU B 246 -5.68 2.77 -35.87
N GLU B 247 -5.11 3.42 -36.89
CA GLU B 247 -5.57 3.20 -38.28
C GLU B 247 -5.29 1.77 -38.72
N LYS B 248 -4.20 1.21 -38.19
CA LYS B 248 -3.84 -0.19 -38.44
C LYS B 248 -4.79 -1.18 -37.78
N THR B 249 -5.48 -0.77 -36.72
CA THR B 249 -6.22 -1.71 -35.90
C THR B 249 -7.66 -1.82 -36.33
N PRO B 250 -8.03 -2.95 -36.92
CA PRO B 250 -9.38 -3.11 -37.52
C PRO B 250 -10.51 -2.78 -36.54
N ASN B 251 -11.49 -1.97 -36.96
CA ASN B 251 -12.67 -1.69 -36.17
C ASN B 251 -12.48 -0.80 -34.97
N ARG B 252 -11.25 -0.60 -34.53
CA ARG B 252 -10.99 0.23 -33.35
C ARG B 252 -11.59 1.62 -33.57
N LEU B 253 -11.18 2.28 -34.65
CA LEU B 253 -11.66 3.65 -34.95
C LEU B 253 -13.16 3.74 -35.14
N LYS B 254 -13.76 2.73 -35.80
CA LYS B 254 -15.20 2.68 -35.92
C LYS B 254 -15.91 2.99 -34.62
N ARG B 255 -15.36 2.53 -33.49
CA ARG B 255 -16.01 2.77 -32.21
C ARG B 255 -16.15 4.22 -31.86
N ILE B 256 -15.16 5.07 -32.20
CA ILE B 256 -15.35 6.50 -32.00
C ILE B 256 -15.77 7.32 -33.21
N TRP B 257 -16.19 6.66 -34.29
CA TRP B 257 -16.43 7.40 -35.54
C TRP B 257 -17.84 8.00 -35.57
N ASN B 258 -17.94 9.29 -35.84
CA ASN B 258 -19.24 9.93 -35.94
C ASN B 258 -19.99 9.43 -37.17
N TRP B 259 -20.87 8.47 -36.94
CA TRP B 259 -21.54 7.76 -38.02
C TRP B 259 -22.68 8.54 -38.66
N ARG B 260 -23.07 9.67 -38.05
CA ARG B 260 -24.26 10.40 -38.49
C ARG B 260 -23.93 11.33 -39.65
C01 T7Z C . 6.55 -7.00 13.98
N02 T7Z C . 7.82 -7.32 14.54
C03 T7Z C . 9.02 -6.72 14.02
N04 T7Z C . 9.54 -6.86 12.70
C05 T7Z C . 10.81 -6.10 12.56
C06 T7Z C . 11.56 -6.04 11.27
C07 T7Z C . 11.16 -5.46 13.80
C08 T7Z C . 12.42 -4.64 14.03
N09 T7Z C . 13.19 -4.86 15.14
C10 T7Z C . 14.32 -4.13 15.34
N11 T7Z C . 15.11 -4.34 16.53
C12 T7Z C . 14.64 -5.01 17.74
C13 T7Z C . 13.50 -5.80 17.71
C14 T7Z C . 13.06 -6.49 18.86
S15 T7Z C . 11.57 -7.49 18.76
N16 T7Z C . 10.94 -7.54 20.28
C17 T7Z C . 9.78 -6.85 20.34
C18 T7Z C . 8.60 -7.80 20.51
O19 T7Z C . 8.82 -8.76 21.59
C20 T7Z C . 10.14 -9.41 21.45
C21 T7Z C . 11.30 -8.50 21.17
O22 T7Z C . 10.61 -6.87 17.90
O23 T7Z C . 11.82 -8.82 18.26
C24 T7Z C . 13.78 -6.37 20.08
C25 T7Z C . 13.33 -7.07 21.31
C26 T7Z C . 14.93 -5.60 20.13
C27 T7Z C . 15.36 -4.92 18.96
N28 T7Z C . 14.72 -3.21 14.44
C29 T7Z C . 13.98 -2.98 13.32
C30 T7Z C . 12.78 -3.70 13.08
C31 T7Z C . 11.91 -3.46 11.91
N32 T7Z C . 11.22 -3.27 10.97
S33 T7Z C . 10.05 -5.78 14.91
C1 GOL D . -5.49 -6.07 -1.49
O1 GOL D . -6.26 -6.45 -0.35
C2 GOL D . -4.36 -5.22 -0.96
O2 GOL D . -4.97 -3.94 -0.75
C3 GOL D . -3.17 -5.24 -1.93
O3 GOL D . -2.60 -3.94 -2.16
C1 GOL E . 3.47 -15.87 -27.27
O1 GOL E . 2.75 -16.33 -26.08
C2 GOL E . 4.46 -14.70 -27.05
O2 GOL E . 3.77 -13.42 -27.13
C3 GOL E . 5.55 -14.73 -28.12
O3 GOL E . 6.35 -15.92 -28.02
#